data_2OC6
#
_entry.id   2OC6
#
_cell.length_a   48.782
_cell.length_b   46.903
_cell.length_c   64.568
_cell.angle_alpha   90.000
_cell.angle_beta   110.050
_cell.angle_gamma   90.000
#
_symmetry.space_group_name_H-M   'P 1 2 1'
#
loop_
_entity.id
_entity.type
_entity.pdbx_description
1 polymer 'YdhG protein'
2 non-polymer 'SULFATE ION'
3 non-polymer 'ACETATE ION'
4 non-polymer GLYCEROL
5 water water
#
_entity_poly.entity_id   1
_entity_poly.type   'polypeptide(L)'
_entity_poly.pdbx_seq_one_letter_code
;G(MSE)DVFSEYLAGIADPFHRERTEEVLTWIKNKYPNLHTEIKWNQP(MSE)FTDHGTFIIGFSVSKKHLAVAPEKVTI
AHVEDDIVKAGYDYTEQLIRIPWNGPVDYTLLEK(MSE)IEFNILDKADCSTFWRK
;
_entity_poly.pdbx_strand_id   A,B
#
# COMPACT_ATOMS: atom_id res chain seq x y z
N GLY A 1 -6.02 -17.15 -18.98
CA GLY A 1 -5.09 -16.75 -20.07
C GLY A 1 -5.08 -15.25 -20.30
N ASP A 3 -6.74 -13.36 -22.24
CA ASP A 3 -8.07 -12.72 -22.37
C ASP A 3 -8.53 -12.09 -21.06
N VAL A 4 -8.08 -12.65 -19.93
CA VAL A 4 -8.32 -12.04 -18.62
C VAL A 4 -7.80 -10.60 -18.57
N PHE A 5 -6.72 -10.31 -19.30
CA PHE A 5 -6.06 -9.01 -19.27
C PHE A 5 -6.50 -8.01 -20.35
N SER A 6 -7.39 -8.42 -21.26
CA SER A 6 -7.72 -7.62 -22.45
C SER A 6 -8.32 -6.25 -22.17
N GLU A 7 -9.31 -6.21 -21.30
CA GLU A 7 -9.94 -4.94 -20.95
C GLU A 7 -8.95 -3.98 -20.30
N TYR A 8 -8.11 -4.51 -19.41
CA TYR A 8 -7.09 -3.71 -18.73
C TYR A 8 -6.12 -3.14 -19.77
N LEU A 9 -5.68 -3.98 -20.71
CA LEU A 9 -4.75 -3.55 -21.74
C LEU A 9 -5.37 -2.51 -22.66
N ALA A 10 -6.64 -2.68 -23.02
CA ALA A 10 -7.35 -1.67 -23.85
C ALA A 10 -7.39 -0.29 -23.20
N GLY A 11 -7.53 -0.25 -21.87
CA GLY A 11 -7.59 1.02 -21.14
C GLY A 11 -6.28 1.79 -21.06
N ILE A 12 -5.18 1.18 -21.51
CA ILE A 12 -3.88 1.87 -21.56
C ILE A 12 -3.86 2.71 -22.82
N ALA A 13 -3.86 4.04 -22.64
CA ALA A 13 -3.97 4.97 -23.78
C ALA A 13 -2.75 4.96 -24.68
N ASP A 14 -1.57 5.03 -24.09
CA ASP A 14 -0.36 5.13 -24.88
C ASP A 14 -0.08 3.78 -25.53
N PRO A 15 -0.04 3.75 -26.88
CA PRO A 15 0.04 2.48 -27.60
C PRO A 15 1.35 1.74 -27.36
N PHE A 16 2.44 2.46 -27.18
CA PHE A 16 3.73 1.81 -26.87
CA PHE A 16 3.72 1.87 -26.91
C PHE A 16 3.70 1.25 -25.49
N HIS A 17 3.11 2.00 -24.54
CA HIS A 17 2.93 1.50 -23.16
C HIS A 17 2.07 0.22 -23.16
N ARG A 18 0.96 0.27 -23.89
CA ARG A 18 0.10 -0.89 -24.02
C ARG A 18 0.86 -2.08 -24.60
N GLU A 19 1.63 -1.85 -25.67
CA GLU A 19 2.38 -2.90 -26.34
C GLU A 19 3.40 -3.60 -25.43
N ARG A 20 4.19 -2.82 -24.71
CA ARG A 20 5.17 -3.40 -23.79
C ARG A 20 4.50 -4.14 -22.65
N THR A 21 3.46 -3.55 -22.09
CA THR A 21 2.75 -4.17 -20.98
C THR A 21 2.19 -5.49 -21.45
N GLU A 22 1.58 -5.50 -22.63
CA GLU A 22 1.09 -6.77 -23.20
C GLU A 22 2.24 -7.79 -23.37
N GLU A 23 3.36 -7.34 -23.88
CA GLU A 23 4.52 -8.18 -24.11
C GLU A 23 4.98 -8.85 -22.81
N VAL A 24 5.08 -8.06 -21.74
CA VAL A 24 5.62 -8.56 -20.46
C VAL A 24 4.71 -9.65 -19.92
N LEU A 25 3.41 -9.36 -19.94
CA LEU A 25 2.38 -10.27 -19.41
C LEU A 25 2.36 -11.54 -20.23
N THR A 26 2.43 -11.42 -21.56
CA THR A 26 2.40 -12.59 -22.47
C THR A 26 3.66 -13.45 -22.25
N TRP A 27 4.79 -12.78 -22.10
CA TRP A 27 6.05 -13.47 -21.81
C TRP A 27 5.93 -14.34 -20.55
N ILE A 28 5.34 -13.79 -19.48
CA ILE A 28 5.18 -14.55 -18.23
C ILE A 28 4.21 -15.69 -18.44
N LYS A 29 3.08 -15.42 -19.10
CA LYS A 29 2.09 -16.45 -19.45
C LYS A 29 2.72 -17.66 -20.17
N ASN A 30 3.59 -17.36 -21.12
CA ASN A 30 4.18 -18.41 -21.94
C ASN A 30 5.35 -19.15 -21.29
N LYS A 31 6.13 -18.43 -20.47
CA LYS A 31 7.26 -19.00 -19.76
C LYS A 31 6.82 -19.76 -18.53
N TYR A 32 5.77 -19.29 -17.88
CA TYR A 32 5.26 -19.93 -16.65
C TYR A 32 3.79 -20.28 -16.86
N PRO A 33 3.53 -21.22 -17.77
CA PRO A 33 2.14 -21.52 -18.15
C PRO A 33 1.26 -22.10 -17.05
N ASN A 34 1.83 -22.58 -15.96
CA ASN A 34 1.05 -23.06 -14.83
C ASN A 34 0.59 -21.94 -13.88
N LEU A 35 1.16 -20.74 -14.00
CA LEU A 35 0.66 -19.61 -13.24
C LEU A 35 -0.73 -19.23 -13.71
N HIS A 36 -1.55 -18.78 -12.77
CA HIS A 36 -2.93 -18.38 -13.06
C HIS A 36 -3.02 -16.86 -13.29
N THR A 37 -3.68 -16.45 -14.36
CA THR A 37 -3.90 -15.02 -14.63
C THR A 37 -5.15 -14.52 -13.88
N GLU A 38 -5.01 -13.38 -13.20
CA GLU A 38 -6.10 -12.76 -12.46
C GLU A 38 -6.01 -11.24 -12.56
N ILE A 39 -7.18 -10.59 -12.59
CA ILE A 39 -7.29 -9.16 -12.36
C ILE A 39 -7.79 -9.03 -10.93
N LYS A 40 -7.03 -8.34 -10.09
CA LYS A 40 -7.43 -8.09 -8.71
C LYS A 40 -7.14 -6.63 -8.42
N TRP A 41 -8.08 -5.93 -7.81
CA TRP A 41 -7.95 -4.50 -7.59
C TRP A 41 -7.68 -3.77 -8.93
N ASN A 42 -8.29 -4.29 -10.00
CA ASN A 42 -8.12 -3.78 -11.38
C ASN A 42 -6.66 -3.72 -11.85
N GLN A 43 -5.84 -4.62 -11.31
CA GLN A 43 -4.42 -4.75 -11.66
CA GLN A 43 -4.45 -4.72 -11.73
C GLN A 43 -4.20 -6.17 -12.15
N PRO A 44 -3.40 -6.38 -13.20
CA PRO A 44 -3.05 -7.75 -13.59
C PRO A 44 -2.03 -8.37 -12.66
N PHE A 46 -0.32 -12.52 -11.45
CA PHE A 46 -0.23 -13.97 -11.56
C PHE A 46 -0.22 -14.58 -10.16
N THR A 47 -0.93 -15.69 -10.03
CA THR A 47 -1.02 -16.45 -8.78
C THR A 47 -0.63 -17.94 -9.02
N ASP A 48 -0.30 -18.63 -7.93
CA ASP A 48 0.04 -20.05 -7.96
C ASP A 48 -0.58 -20.65 -6.73
N HIS A 49 -1.41 -21.67 -6.92
CA HIS A 49 -2.18 -22.30 -5.86
C HIS A 49 -2.86 -21.28 -4.93
N GLY A 50 -3.37 -20.20 -5.54
CA GLY A 50 -4.06 -19.13 -4.84
C GLY A 50 -3.20 -18.08 -4.14
N THR A 51 -1.88 -18.21 -4.24
CA THR A 51 -0.96 -17.27 -3.59
C THR A 51 -0.39 -16.29 -4.62
N PHE A 52 -0.19 -15.06 -4.17
CA PHE A 52 0.34 -14.01 -5.04
C PHE A 52 1.76 -14.37 -5.53
N ILE A 53 2.02 -14.26 -6.83
CA ILE A 53 3.39 -14.43 -7.35
C ILE A 53 4.03 -13.08 -7.81
N ILE A 54 3.31 -12.35 -8.65
CA ILE A 54 3.79 -11.09 -9.20
C ILE A 54 2.59 -10.31 -9.75
N GLY A 55 2.64 -8.98 -9.61
CA GLY A 55 1.58 -8.09 -10.08
C GLY A 55 2.17 -6.84 -10.71
N PHE A 56 1.32 -6.15 -11.46
CA PHE A 56 1.75 -5.01 -12.30
C PHE A 56 0.76 -3.87 -12.23
N SER A 57 1.26 -2.66 -12.43
CA SER A 57 0.40 -1.52 -12.71
C SER A 57 1.17 -0.53 -13.57
N VAL A 58 0.42 0.31 -14.25
CA VAL A 58 1.02 1.27 -15.17
C VAL A 58 0.76 2.68 -14.70
N SER A 59 1.79 3.51 -14.85
CA SER A 59 1.72 4.94 -14.62
C SER A 59 2.18 5.67 -15.90
N LYS A 60 2.08 6.99 -15.92
CA LYS A 60 2.59 7.75 -17.06
C LYS A 60 4.07 7.49 -17.29
N LYS A 61 4.87 7.33 -16.24
CA LYS A 61 6.33 7.21 -16.41
C LYS A 61 6.89 5.80 -16.33
N HIS A 62 6.13 4.84 -15.81
CA HIS A 62 6.70 3.50 -15.65
C HIS A 62 5.65 2.38 -15.57
N LEU A 63 6.17 1.16 -15.71
CA LEU A 63 5.47 -0.06 -15.37
C LEU A 63 5.98 -0.40 -13.97
N ALA A 64 5.07 -0.56 -13.03
CA ALA A 64 5.41 -0.94 -11.65
C ALA A 64 5.25 -2.45 -11.50
N VAL A 65 6.24 -3.08 -10.88
CA VAL A 65 6.30 -4.54 -10.72
C VAL A 65 6.41 -4.86 -9.24
N ALA A 66 5.52 -5.70 -8.73
CA ALA A 66 5.36 -5.89 -7.28
C ALA A 66 5.58 -7.38 -7.03
N PRO A 67 6.70 -7.76 -6.38
CA PRO A 67 6.98 -9.15 -6.04
C PRO A 67 6.93 -9.51 -4.53
N GLU A 68 6.44 -8.57 -3.73
CA GLU A 68 6.46 -8.60 -2.25
C GLU A 68 7.82 -8.20 -1.71
N LYS A 69 7.79 -7.69 -0.48
CA LYS A 69 8.92 -7.06 0.17
C LYS A 69 10.11 -7.99 0.32
N VAL A 70 9.86 -9.20 0.79
CA VAL A 70 10.94 -10.15 0.97
CA VAL A 70 10.90 -10.22 0.95
C VAL A 70 11.66 -10.43 -0.36
N THR A 71 10.93 -10.33 -1.47
CA THR A 71 11.54 -10.62 -2.78
C THR A 71 12.34 -9.42 -3.35
N ILE A 72 11.86 -8.21 -3.12
CA ILE A 72 12.67 -7.01 -3.38
C ILE A 72 14.02 -7.14 -2.65
N ALA A 73 13.96 -7.47 -1.36
CA ALA A 73 15.18 -7.66 -0.56
C ALA A 73 16.10 -8.72 -1.13
N HIS A 74 15.51 -9.86 -1.51
CA HIS A 74 16.23 -10.97 -2.11
C HIS A 74 17.04 -10.60 -3.34
N VAL A 75 16.50 -9.74 -4.20
CA VAL A 75 17.15 -9.36 -5.44
C VAL A 75 17.62 -7.91 -5.47
N GLU A 76 17.88 -7.32 -4.29
CA GLU A 76 18.08 -5.87 -4.19
C GLU A 76 19.29 -5.40 -4.97
N ASP A 77 20.40 -6.13 -4.82
CA ASP A 77 21.62 -5.82 -5.57
C ASP A 77 21.39 -5.78 -7.08
N ASP A 78 20.59 -6.71 -7.58
CA ASP A 78 20.23 -6.76 -9.02
C ASP A 78 19.38 -5.57 -9.45
N ILE A 79 18.49 -5.11 -8.56
CA ILE A 79 17.70 -3.91 -8.81
C ILE A 79 18.63 -2.67 -8.91
N VAL A 80 19.54 -2.51 -7.96
CA VAL A 80 20.44 -1.35 -7.96
C VAL A 80 21.31 -1.30 -9.22
N LYS A 81 21.74 -2.47 -9.68
CA LYS A 81 22.57 -2.57 -10.88
C LYS A 81 21.77 -2.23 -12.11
N ALA A 82 20.50 -2.65 -12.13
CA ALA A 82 19.63 -2.30 -13.25
C ALA A 82 19.28 -0.82 -13.24
N GLY A 83 19.44 -0.16 -12.08
CA GLY A 83 19.17 1.25 -11.95
C GLY A 83 17.72 1.59 -11.61
N TYR A 84 16.86 0.61 -11.46
CA TYR A 84 15.45 0.93 -11.24
C TYR A 84 15.22 1.59 -9.88
N ASP A 85 14.35 2.60 -9.87
CA ASP A 85 13.86 3.16 -8.63
CA ASP A 85 13.85 3.16 -8.61
C ASP A 85 12.95 2.08 -8.02
N TYR A 86 13.05 1.90 -6.71
CA TYR A 86 12.24 0.90 -6.02
C TYR A 86 11.89 1.37 -4.59
N THR A 87 10.87 0.72 -4.05
CA THR A 87 10.43 0.90 -2.70
C THR A 87 10.50 -0.47 -2.05
N GLU A 88 9.89 -0.58 -0.88
CA GLU A 88 9.80 -1.84 -0.19
C GLU A 88 8.95 -2.85 -0.95
N GLN A 89 7.99 -2.37 -1.75
CA GLN A 89 6.99 -3.23 -2.38
C GLN A 89 7.17 -3.40 -3.87
N LEU A 90 7.81 -2.46 -4.55
CA LEU A 90 7.87 -2.57 -5.99
C LEU A 90 9.06 -1.94 -6.67
N ILE A 91 9.25 -2.34 -7.93
CA ILE A 91 10.24 -1.70 -8.81
C ILE A 91 9.52 -0.91 -9.89
N ARG A 92 10.18 0.16 -10.33
CA ARG A 92 9.65 1.02 -11.37
C ARG A 92 10.56 0.91 -12.61
N ILE A 93 9.96 0.41 -13.67
CA ILE A 93 10.61 0.20 -14.98
C ILE A 93 10.14 1.30 -15.91
N PRO A 94 11.00 2.31 -16.14
CA PRO A 94 10.60 3.42 -17.01
C PRO A 94 10.29 2.93 -18.41
N TRP A 95 9.32 3.57 -19.06
CA TRP A 95 8.98 3.27 -20.47
C TRP A 95 10.12 3.61 -21.43
N ASN A 96 10.99 4.53 -21.03
CA ASN A 96 12.11 4.97 -21.87
C ASN A 96 13.48 4.25 -21.60
N GLY A 97 13.41 3.10 -20.94
CA GLY A 97 14.53 2.17 -20.81
C GLY A 97 14.02 0.74 -20.87
N PRO A 98 14.92 -0.25 -20.89
CA PRO A 98 14.50 -1.63 -21.09
C PRO A 98 13.89 -2.33 -19.89
N VAL A 99 13.17 -3.42 -20.21
CA VAL A 99 12.72 -4.41 -19.22
C VAL A 99 13.85 -5.41 -18.99
N ASP A 100 14.24 -5.52 -17.74
CA ASP A 100 15.19 -6.53 -17.31
C ASP A 100 14.47 -7.87 -17.06
N TYR A 101 14.39 -8.68 -18.11
CA TYR A 101 13.67 -9.97 -18.01
C TYR A 101 14.38 -10.96 -17.10
N THR A 102 15.70 -10.86 -17.00
CA THR A 102 16.45 -11.70 -16.08
C THR A 102 15.99 -11.45 -14.65
N LEU A 103 15.84 -10.18 -14.31
CA LEU A 103 15.38 -9.79 -12.98
C LEU A 103 13.98 -10.32 -12.72
N LEU A 104 13.07 -10.17 -13.69
CA LEU A 104 11.73 -10.70 -13.54
C LEU A 104 11.71 -12.22 -13.32
N GLU A 105 12.55 -12.95 -14.06
CA GLU A 105 12.68 -14.40 -13.90
C GLU A 105 13.06 -14.76 -12.49
N LYS A 106 14.08 -14.09 -11.99
CA LYS A 106 14.57 -14.35 -10.64
C LYS A 106 13.48 -14.14 -9.59
N ILE A 108 10.10 -14.10 -10.08
CA ILE A 108 9.00 -15.05 -10.25
C ILE A 108 9.39 -16.43 -9.72
N GLU A 109 10.57 -16.89 -10.10
CA GLU A 109 11.07 -18.20 -9.74
C GLU A 109 11.35 -18.30 -8.23
N PHE A 110 11.83 -17.22 -7.64
CA PHE A 110 12.00 -17.20 -6.20
C PHE A 110 10.64 -17.34 -5.51
N ASN A 111 9.64 -16.56 -5.95
CA ASN A 111 8.33 -16.62 -5.34
C ASN A 111 7.64 -17.97 -5.50
N ILE A 112 7.78 -18.59 -6.67
CA ILE A 112 7.17 -19.93 -6.89
C ILE A 112 7.70 -20.95 -5.86
N LEU A 113 9.01 -20.95 -5.66
CA LEU A 113 9.66 -21.89 -4.77
C LEU A 113 9.39 -21.53 -3.31
N ASP A 114 9.66 -20.27 -2.98
CA ASP A 114 9.58 -19.80 -1.60
C ASP A 114 8.14 -19.79 -1.06
N LYS A 115 7.14 -19.67 -1.94
CA LYS A 115 5.75 -19.64 -1.52
C LYS A 115 5.01 -20.97 -1.77
N ALA A 116 5.76 -22.04 -2.00
CA ALA A 116 5.18 -23.35 -2.29
C ALA A 116 4.22 -23.82 -1.20
N ASP A 117 4.57 -23.53 0.06
CA ASP A 117 3.78 -23.95 1.21
C ASP A 117 2.98 -22.78 1.80
N CYS A 118 3.00 -21.62 1.14
CA CYS A 118 2.26 -20.47 1.64
C CYS A 118 0.77 -20.70 1.50
N SER A 119 0.07 -20.52 2.61
CA SER A 119 -1.35 -20.83 2.69
C SER A 119 -2.25 -19.60 2.54
N THR A 120 -1.65 -18.42 2.44
CA THR A 120 -2.38 -17.17 2.31
C THR A 120 -2.02 -16.50 0.99
N PHE A 121 -2.79 -15.49 0.59
CA PHE A 121 -2.51 -14.74 -0.65
C PHE A 121 -1.18 -14.01 -0.59
N TRP A 122 -1.02 -13.18 0.44
CA TRP A 122 0.23 -12.49 0.69
C TRP A 122 1.06 -13.23 1.72
N ARG A 123 2.38 -13.04 1.67
CA ARG A 123 3.22 -13.52 2.77
C ARG A 123 2.75 -12.85 4.05
N LYS A 124 2.76 -13.62 5.14
CA LYS A 124 2.22 -13.17 6.42
C LYS A 124 3.35 -12.66 7.30
N GLY B 1 10.71 7.87 14.99
CA GLY B 1 10.09 6.98 16.00
C GLY B 1 9.09 7.74 16.84
N ASP B 3 9.50 9.36 19.50
CA ASP B 3 10.05 10.62 20.02
C ASP B 3 9.53 11.80 19.21
N VAL B 4 9.22 11.55 17.94
CA VAL B 4 8.68 12.59 17.06
C VAL B 4 7.36 13.14 17.58
N PHE B 5 6.60 12.31 18.30
CA PHE B 5 5.28 12.68 18.76
C PHE B 5 5.30 13.21 20.19
N SER B 6 6.46 13.16 20.87
CA SER B 6 6.52 13.43 22.30
C SER B 6 5.96 14.81 22.69
N GLU B 7 6.31 15.85 21.92
CA GLU B 7 5.83 17.20 22.22
CA GLU B 7 5.83 17.19 22.24
C GLU B 7 4.32 17.28 22.01
N TYR B 8 3.85 16.71 20.90
CA TYR B 8 2.42 16.66 20.60
C TYR B 8 1.62 16.04 21.75
N LEU B 9 2.04 14.85 22.19
CA LEU B 9 1.35 14.16 23.28
C LEU B 9 1.37 14.99 24.59
N ALA B 10 2.53 15.55 24.93
CA ALA B 10 2.67 16.34 26.18
C ALA B 10 1.76 17.56 26.18
N GLY B 11 1.47 18.07 24.99
CA GLY B 11 0.49 19.13 24.80
C GLY B 11 -0.94 18.76 25.11
N ILE B 12 -1.27 17.48 25.12
CA ILE B 12 -2.63 17.03 25.42
C ILE B 12 -2.84 17.11 26.93
N ALA B 13 -3.62 18.09 27.37
CA ALA B 13 -3.83 18.36 28.81
C ALA B 13 -4.47 17.19 29.55
N ASP B 14 -5.47 16.58 28.91
CA ASP B 14 -6.23 15.51 29.53
C ASP B 14 -5.40 14.22 29.46
N PRO B 15 -4.99 13.69 30.64
CA PRO B 15 -4.03 12.59 30.65
C PRO B 15 -4.63 11.27 30.16
N PHE B 16 -5.95 11.13 30.27
CA PHE B 16 -6.64 9.95 29.73
C PHE B 16 -6.71 10.00 28.19
N HIS B 17 -6.99 11.17 27.64
CA HIS B 17 -6.94 11.35 26.18
C HIS B 17 -5.50 11.18 25.68
N ARG B 18 -4.54 11.73 26.43
CA ARG B 18 -3.12 11.60 26.08
C ARG B 18 -2.72 10.13 26.00
N GLU B 19 -3.10 9.35 27.01
CA GLU B 19 -2.76 7.93 27.08
C GLU B 19 -3.35 7.15 25.91
N ARG B 20 -4.61 7.39 25.58
CA ARG B 20 -5.20 6.70 24.44
C ARG B 20 -4.52 7.08 23.12
N THR B 21 -4.25 8.38 22.93
CA THR B 21 -3.59 8.84 21.73
C THR B 21 -2.23 8.18 21.63
N GLU B 22 -1.50 8.14 22.73
CA GLU B 22 -0.18 7.48 22.74
C GLU B 22 -0.29 5.98 22.43
N GLU B 23 -1.31 5.34 22.97
CA GLU B 23 -1.56 3.92 22.74
C GLU B 23 -1.83 3.60 21.26
N VAL B 24 -2.69 4.40 20.64
CA VAL B 24 -3.00 4.22 19.22
C VAL B 24 -1.74 4.40 18.36
N LEU B 25 -0.96 5.44 18.64
CA LEU B 25 0.22 5.76 17.82
C LEU B 25 1.27 4.67 17.97
N THR B 26 1.50 4.25 19.21
CA THR B 26 2.44 3.20 19.53
C THR B 26 2.02 1.87 18.88
N TRP B 27 0.73 1.58 18.90
CA TRP B 27 0.21 0.37 18.28
C TRP B 27 0.55 0.37 16.78
N ILE B 28 0.39 1.50 16.12
CA ILE B 28 0.71 1.62 14.70
C ILE B 28 2.18 1.47 14.44
N LYS B 29 2.98 2.20 15.19
CA LYS B 29 4.44 2.10 15.12
C LYS B 29 4.94 0.68 15.31
N ASN B 30 4.32 -0.07 16.24
CA ASN B 30 4.75 -1.44 16.49
C ASN B 30 4.32 -2.41 15.43
N LYS B 31 3.12 -2.17 14.90
CA LYS B 31 2.50 -3.11 13.97
C LYS B 31 3.04 -2.92 12.56
N TYR B 32 3.27 -1.66 12.19
CA TYR B 32 3.73 -1.27 10.87
C TYR B 32 5.04 -0.53 11.02
N PRO B 33 6.13 -1.27 11.36
CA PRO B 33 7.39 -0.63 11.69
C PRO B 33 8.08 0.11 10.55
N ASN B 34 7.69 -0.17 9.31
CA ASN B 34 8.27 0.51 8.15
C ASN B 34 7.69 1.92 7.87
N LEU B 35 6.52 2.20 8.44
CA LEU B 35 5.90 3.49 8.31
C LEU B 35 6.76 4.54 9.01
N HIS B 36 6.83 5.74 8.44
CA HIS B 36 7.62 6.83 9.00
CA HIS B 36 7.61 6.84 9.01
C HIS B 36 6.72 7.74 9.84
N THR B 37 7.22 8.15 11.01
CA THR B 37 6.51 8.99 11.95
C THR B 37 6.80 10.44 11.58
N GLU B 38 5.75 11.23 11.40
CA GLU B 38 5.91 12.62 11.03
C GLU B 38 4.88 13.47 11.74
N ILE B 39 5.32 14.67 12.11
CA ILE B 39 4.42 15.71 12.56
C ILE B 39 4.35 16.67 11.39
N LYS B 40 3.14 16.90 10.90
CA LYS B 40 2.92 17.85 9.81
C LYS B 40 1.65 18.59 10.14
N TRP B 41 1.66 19.91 9.95
CA TRP B 41 0.53 20.76 10.33
C TRP B 41 0.06 20.49 11.76
N ASN B 42 1.00 20.25 12.67
CA ASN B 42 0.69 19.88 14.04
C ASN B 42 -0.27 18.68 14.19
N GLN B 43 -0.18 17.72 13.28
CA GLN B 43 -0.91 16.47 13.37
C GLN B 43 0.10 15.33 13.30
N PRO B 44 0.04 14.36 14.24
CA PRO B 44 0.80 13.14 14.07
C PRO B 44 0.30 12.40 12.83
N PHE B 46 1.46 9.11 9.76
CA PHE B 46 2.35 8.07 9.28
C PHE B 46 2.39 8.13 7.77
N THR B 47 3.61 7.98 7.24
CA THR B 47 3.85 8.02 5.80
C THR B 47 4.62 6.78 5.39
N ASP B 48 4.56 6.46 4.09
CA ASP B 48 5.23 5.31 3.50
C ASP B 48 5.80 5.79 2.16
N HIS B 49 7.09 5.60 1.94
CA HIS B 49 7.80 6.07 0.72
C HIS B 49 7.31 7.48 0.31
N GLY B 50 7.12 8.34 1.30
CA GLY B 50 6.79 9.73 1.04
C GLY B 50 5.30 10.05 0.91
N THR B 51 4.44 9.04 0.97
CA THR B 51 3.01 9.31 0.81
C THR B 51 2.25 9.17 2.13
N PHE B 52 1.18 9.93 2.27
CA PHE B 52 0.31 9.89 3.44
C PHE B 52 -0.38 8.54 3.59
N ILE B 53 -0.34 7.98 4.80
CA ILE B 53 -1.07 6.73 5.09
C ILE B 53 -2.22 6.98 6.08
N ILE B 54 -1.94 7.66 7.19
CA ILE B 54 -2.95 7.93 8.19
C ILE B 54 -2.50 9.08 9.09
N GLY B 55 -3.47 9.88 9.53
CA GLY B 55 -3.20 11.05 10.39
C GLY B 55 -4.24 11.21 11.49
N PHE B 56 -3.84 11.92 12.55
CA PHE B 56 -4.68 12.08 13.74
C PHE B 56 -4.75 13.52 14.22
N SER B 57 -5.83 13.84 14.90
CA SER B 57 -5.93 15.09 15.62
C SER B 57 -6.86 14.88 16.79
N VAL B 58 -6.62 15.62 17.84
CA VAL B 58 -7.42 15.49 19.06
CA VAL B 58 -7.34 15.51 19.10
C VAL B 58 -8.26 16.72 19.26
N SER B 59 -9.52 16.48 19.62
CA SER B 59 -10.44 17.51 20.07
C SER B 59 -10.91 17.14 21.48
N LYS B 60 -11.70 18.02 22.10
CA LYS B 60 -12.27 17.77 23.41
C LYS B 60 -13.15 16.53 23.43
N LYS B 61 -13.90 16.30 22.35
CA LYS B 61 -14.82 15.16 22.33
C LYS B 61 -14.36 13.92 21.60
N HIS B 62 -13.33 14.00 20.77
CA HIS B 62 -12.92 12.82 20.03
C HIS B 62 -11.49 12.86 19.51
N LEU B 63 -11.02 11.67 19.14
CA LEU B 63 -9.83 11.49 18.32
C LEU B 63 -10.33 11.41 16.88
N ALA B 64 -9.85 12.33 16.03
CA ALA B 64 -10.21 12.33 14.61
C ALA B 64 -9.16 11.54 13.82
N VAL B 65 -9.63 10.64 12.98
CA VAL B 65 -8.75 9.75 12.21
C VAL B 65 -8.97 10.00 10.72
N ALA B 66 -7.90 10.34 10.03
CA ALA B 66 -7.93 10.78 8.63
C ALA B 66 -7.17 9.79 7.74
N PRO B 67 -7.90 9.01 6.93
CA PRO B 67 -7.26 8.10 5.96
C PRO B 67 -7.46 8.46 4.47
N GLU B 68 -7.95 9.66 4.21
CA GLU B 68 -8.30 10.16 2.88
C GLU B 68 -9.70 9.68 2.41
N LYS B 69 -10.31 10.50 1.57
CA LYS B 69 -11.69 10.31 1.14
C LYS B 69 -11.96 8.93 0.53
N VAL B 70 -11.08 8.48 -0.36
CA VAL B 70 -11.25 7.19 -1.03
CA VAL B 70 -11.32 7.19 -1.03
C VAL B 70 -11.40 6.03 -0.02
N THR B 71 -10.65 6.13 1.07
CA THR B 71 -10.56 5.05 2.07
C THR B 71 -11.78 5.03 2.99
N ILE B 72 -12.24 6.22 3.36
CA ILE B 72 -13.50 6.36 4.05
C ILE B 72 -14.60 5.68 3.22
N ALA B 73 -14.60 5.93 1.92
CA ALA B 73 -15.62 5.33 1.02
C ALA B 73 -15.44 3.82 1.03
N HIS B 74 -14.18 3.41 0.96
CA HIS B 74 -13.83 2.00 0.93
C HIS B 74 -14.29 1.26 2.16
N VAL B 75 -14.15 1.85 3.34
CA VAL B 75 -14.50 1.14 4.58
C VAL B 75 -15.80 1.64 5.19
N GLU B 76 -16.65 2.29 4.38
CA GLU B 76 -17.79 3.03 4.93
C GLU B 76 -18.73 2.12 5.73
N ASP B 77 -19.07 0.97 5.16
CA ASP B 77 -19.91 -0.01 5.85
C ASP B 77 -19.37 -0.39 7.23
N ASP B 78 -18.06 -0.60 7.33
CA ASP B 78 -17.43 -0.91 8.62
C ASP B 78 -17.54 0.28 9.59
N ILE B 79 -17.40 1.51 9.07
CA ILE B 79 -17.62 2.71 9.88
C ILE B 79 -19.04 2.74 10.44
N VAL B 80 -20.01 2.39 9.60
CA VAL B 80 -21.40 2.41 10.04
C VAL B 80 -21.63 1.33 11.10
N LYS B 81 -21.11 0.13 10.86
CA LYS B 81 -21.16 -0.96 11.87
C LYS B 81 -20.63 -0.49 13.23
N ALA B 82 -19.53 0.26 13.23
CA ALA B 82 -18.92 0.77 14.46
C ALA B 82 -19.73 1.86 15.13
N GLY B 83 -20.50 2.61 14.35
CA GLY B 83 -21.31 3.69 14.87
C GLY B 83 -20.62 5.05 14.98
N TYR B 84 -19.35 5.15 14.57
CA TYR B 84 -18.66 6.46 14.58
C TYR B 84 -19.32 7.49 13.64
N ASP B 85 -19.41 8.74 14.12
CA ASP B 85 -19.68 9.90 13.25
CA ASP B 85 -19.69 9.87 13.24
C ASP B 85 -18.51 10.03 12.29
N TYR B 86 -18.79 10.42 11.05
CA TYR B 86 -17.75 10.59 10.05
C TYR B 86 -18.13 11.62 9.02
N THR B 87 -17.11 12.14 8.35
CA THR B 87 -17.27 13.04 7.24
C THR B 87 -16.65 12.36 6.02
N GLU B 88 -16.51 13.08 4.91
CA GLU B 88 -15.77 12.54 3.76
C GLU B 88 -14.29 12.28 4.03
N GLN B 89 -13.74 12.97 5.02
CA GLN B 89 -12.31 12.92 5.26
CA GLN B 89 -12.31 12.98 5.28
C GLN B 89 -11.93 12.23 6.56
N LEU B 90 -12.86 12.12 7.52
CA LEU B 90 -12.45 11.51 8.75
C LEU B 90 -13.50 10.80 9.55
N ILE B 91 -13.04 10.00 10.49
CA ILE B 91 -13.90 9.36 11.47
C ILE B 91 -13.59 9.94 12.85
N ARG B 92 -14.64 10.06 13.65
CA ARG B 92 -14.55 10.59 15.01
C ARG B 92 -14.75 9.45 16.02
N ILE B 93 -13.68 9.17 16.77
CA ILE B 93 -13.69 8.14 17.82
C ILE B 93 -13.85 8.87 19.18
N PRO B 94 -15.05 8.80 19.78
CA PRO B 94 -15.21 9.47 21.05
C PRO B 94 -14.31 8.86 22.13
N TRP B 95 -13.87 9.71 23.07
CA TRP B 95 -12.99 9.28 24.15
C TRP B 95 -13.69 8.35 25.12
N ASN B 96 -15.03 8.42 25.16
CA ASN B 96 -15.83 7.61 26.09
C ASN B 96 -16.50 6.38 25.43
N GLY B 97 -15.87 5.89 24.37
CA GLY B 97 -16.20 4.58 23.83
C GLY B 97 -14.93 3.99 23.25
N PRO B 98 -14.99 2.74 22.75
CA PRO B 98 -13.81 2.03 22.29
C PRO B 98 -13.21 2.49 20.98
N VAL B 99 -11.93 2.15 20.83
CA VAL B 99 -11.22 2.24 19.57
C VAL B 99 -11.41 0.95 18.79
N ASP B 100 -11.90 1.06 17.57
CA ASP B 100 -12.02 -0.12 16.71
C ASP B 100 -10.67 -0.28 15.98
N TYR B 101 -9.79 -1.11 16.55
CA TYR B 101 -8.49 -1.39 15.94
C TYR B 101 -8.63 -2.19 14.63
N THR B 102 -9.65 -3.02 14.54
CA THR B 102 -9.93 -3.73 13.30
C THR B 102 -10.14 -2.75 12.12
N LEU B 103 -10.92 -1.72 12.35
CA LEU B 103 -11.18 -0.68 11.34
C LEU B 103 -9.91 0.10 10.96
N LEU B 104 -9.11 0.43 11.98
CA LEU B 104 -7.81 1.09 11.77
C LEU B 104 -6.89 0.23 10.92
N GLU B 105 -6.75 -1.07 11.26
CA GLU B 105 -5.97 -2.00 10.44
C GLU B 105 -6.44 -1.98 8.99
N LYS B 106 -7.75 -2.08 8.78
CA LYS B 106 -8.32 -2.11 7.43
C LYS B 106 -7.94 -0.84 6.63
N ILE B 108 -5.35 1.37 7.29
CA ILE B 108 -3.90 1.43 7.13
C ILE B 108 -3.41 0.46 6.03
N GLU B 109 -3.88 -0.78 6.09
CA GLU B 109 -3.45 -1.80 5.16
C GLU B 109 -3.95 -1.51 3.75
N PHE B 110 -5.16 -0.98 3.61
CA PHE B 110 -5.67 -0.56 2.30
C PHE B 110 -4.79 0.56 1.72
N ASN B 111 -4.51 1.59 2.51
CA ASN B 111 -3.65 2.68 2.02
C ASN B 111 -2.21 2.27 1.66
N ILE B 112 -1.61 1.41 2.46
CA ILE B 112 -0.26 0.91 2.15
C ILE B 112 -0.20 0.27 0.77
N LEU B 113 -1.19 -0.57 0.47
CA LEU B 113 -1.27 -1.32 -0.79
C LEU B 113 -1.81 -0.45 -1.93
N ASP B 114 -2.95 0.20 -1.71
CA ASP B 114 -3.54 1.09 -2.72
C ASP B 114 -2.60 2.24 -3.15
N LYS B 115 -1.78 2.76 -2.23
CA LYS B 115 -0.88 3.88 -2.52
C LYS B 115 0.58 3.45 -2.67
N ALA B 116 0.80 2.17 -2.90
CA ALA B 116 2.13 1.60 -3.07
C ALA B 116 2.99 2.38 -4.06
N ASP B 117 2.40 2.83 -5.15
CA ASP B 117 3.08 3.56 -6.22
C ASP B 117 2.72 5.04 -6.25
N CYS B 118 2.08 5.55 -5.20
CA CYS B 118 1.73 6.97 -5.13
C CYS B 118 2.96 7.83 -4.90
N SER B 119 3.23 8.71 -5.86
CA SER B 119 4.41 9.59 -5.84
C SER B 119 4.12 10.96 -5.23
N THR B 120 2.86 11.25 -4.93
CA THR B 120 2.46 12.49 -4.27
C THR B 120 2.10 12.21 -2.83
N PHE B 121 2.06 13.23 -2.00
CA PHE B 121 1.72 13.02 -0.60
C PHE B 121 0.25 12.59 -0.47
N TRP B 122 -0.64 13.42 -1.00
CA TRP B 122 -2.06 13.12 -0.99
C TRP B 122 -2.36 12.42 -2.29
N ARG B 123 -3.37 11.56 -2.27
CA ARG B 123 -3.94 11.08 -3.51
C ARG B 123 -4.36 12.32 -4.32
N LYS B 124 -4.22 12.23 -5.63
CA LYS B 124 -4.57 13.37 -6.47
C LYS B 124 -5.91 13.10 -7.12
#